data_3EA4
#
_entry.id   3EA4
#
_cell.length_a   178.468
_cell.length_b   178.468
_cell.length_c   184.948
_cell.angle_alpha   90.00
_cell.angle_beta   90.00
_cell.angle_gamma   120.00
#
_symmetry.space_group_name_H-M   'P 64 2 2'
#
loop_
_entity.id
_entity.type
_entity.pdbx_description
1 polymer 'Acetolactate synthase, chloroplastic'
2 non-polymer 'methyl 2-{[(4-methylpyrimidin-2-yl)carbamoyl]sulfamoyl}benzoate'
3 non-polymer 'FLAVIN-ADENINE DINUCLEOTIDE-N5-ISOBUTYL KETONE'
4 non-polymer '2-[N-CYCLOHEXYLAMINO]ETHANE SULFONIC ACID'
5 non-polymer '2-[(2E)-3-[(4-AMINO-2-METHYLPYRIMIDIN-5-YL)METHYL]-2-(1-HYDROXYETHYLIDENE)-4-METHYL-2,3-DIHYDRO-1,3-THIAZOL-5-YL]ETHYL TRIHYDROGEN DIPHOSPHATE'
6 non-polymer 'MAGNESIUM ION'
7 water water
#
_entity_poly.entity_id   1
_entity_poly.type   'polypeptide(L)'
_entity_poly.pdbx_seq_one_letter_code
;FISRFAPDQPRKGADILVEALERQGVETVFAYPGGASMEIHQALTRSSSIRNVLPRHEQGGVFAAEGYARSSGKPGICIA
TSGPGATNLVSGLADALLDSVPLVAITGQVPRRMIGTDAFQETPIVEVTRSITKHNYLVMDVEDIPRIIEEAFFLATSGR
PGPVLVDVPKDIQQQLAIPNWEQAMRLPGYMSRMPKPPEDSHLEQIVRLISESKKPVLYVGGGCLNSSDELGRFVELTGI
PVATTLMGLGSYP(CSD)DDELSLHMLGMHGTVYANYAVEHSDLLLAFGVRFDDRVTGKLEAFASRAKIVHIDIDSAEIG
KNKTPHVSVCGDVKLALQGMNKVLENRAEELKLDFGVWRNELNVQKQKFPLSFKTFGEAIPPQYAIKVLDELTDGKAIIS
TGVGQHQMWAAQFYNYKKPRQWLSSGGLGAMGFGLPAAIGASVANPDAIVVDIDGDGSFIMNVQELATIRVENLPVKVLL
LNNQHLGMVMQWEDRFYKANRAHTFLGDPAQEDEIFPNMLLFAAACGIPAARVTKKADLREAIQTMLDTPGPYLLDVICP
HQEHVLPMIPSGGTFNDVITEGDGRIKY
;
_entity_poly.pdbx_strand_id   A
#
# COMPACT_ATOMS: atom_id res chain seq x y z
N PHE A 1 -3.74 23.84 22.47
CA PHE A 1 -4.29 24.13 21.12
C PHE A 1 -5.03 25.47 21.08
N ILE A 2 -4.67 26.31 20.13
CA ILE A 2 -5.27 27.64 19.98
C ILE A 2 -6.29 27.66 18.84
N SER A 3 -7.52 28.05 19.16
CA SER A 3 -8.58 28.19 18.17
C SER A 3 -8.51 29.55 17.47
N ARG A 4 -9.24 29.69 16.36
CA ARG A 4 -9.36 30.97 15.66
C ARG A 4 -10.71 31.62 15.97
N PHE A 5 -11.47 30.99 16.86
CA PHE A 5 -12.78 31.49 17.28
C PHE A 5 -12.85 31.54 18.80
N ALA A 6 -13.62 32.51 19.32
CA ALA A 6 -13.87 32.62 20.77
C ALA A 6 -14.63 31.40 21.26
N PRO A 7 -14.43 31.01 22.54
CA PRO A 7 -15.09 29.79 23.07
C PRO A 7 -16.60 29.89 23.14
N ASP A 8 -17.13 31.11 23.01
CA ASP A 8 -18.57 31.36 23.07
C ASP A 8 -19.12 31.91 21.74
N GLN A 9 -18.33 31.79 20.68
CA GLN A 9 -18.66 32.37 19.38
C GLN A 9 -19.24 31.32 18.44
N PRO A 10 -20.48 31.54 17.96
CA PRO A 10 -21.04 30.65 16.96
C PRO A 10 -20.30 30.77 15.63
N ARG A 11 -20.17 29.65 14.92
CA ARG A 11 -19.60 29.61 13.59
C ARG A 11 -20.15 28.44 12.79
N LYS A 12 -19.94 28.49 11.47
CA LYS A 12 -20.45 27.48 10.55
C LYS A 12 -19.94 26.09 10.86
N GLY A 13 -20.78 25.09 10.59
CA GLY A 13 -20.41 23.68 10.72
C GLY A 13 -19.15 23.34 9.96
N ALA A 14 -19.00 23.93 8.77
CA ALA A 14 -17.82 23.77 7.95
C ALA A 14 -16.56 24.18 8.70
N ASP A 15 -16.64 25.31 9.41
CA ASP A 15 -15.54 25.79 10.22
C ASP A 15 -15.27 24.90 11.42
N ILE A 16 -16.34 24.34 11.99
CA ILE A 16 -16.19 23.37 13.07
C ILE A 16 -15.46 22.12 12.55
N LEU A 17 -15.91 21.61 11.40
CA LEU A 17 -15.28 20.45 10.77
C LEU A 17 -13.77 20.67 10.51
N VAL A 18 -13.40 21.84 9.98
CA VAL A 18 -11.99 22.11 9.73
C VAL A 18 -11.17 22.16 11.02
N GLU A 19 -11.68 22.84 12.04
CA GLU A 19 -11.00 22.88 13.35
C GLU A 19 -10.88 21.49 13.96
N ALA A 20 -11.91 20.67 13.75
CA ALA A 20 -11.90 19.28 14.16
C ALA A 20 -10.72 18.52 13.55
N LEU A 21 -10.39 18.87 12.29
CA LEU A 21 -9.23 18.27 11.63
C LEU A 21 -7.93 18.80 12.21
N GLU A 22 -7.87 20.12 12.45
CA GLU A 22 -6.68 20.73 13.03
C GLU A 22 -6.40 20.16 14.41
N ARG A 23 -7.47 19.88 15.15
CA ARG A 23 -7.36 19.30 16.49
C ARG A 23 -6.93 17.85 16.46
N GLN A 24 -7.14 17.19 15.32
CA GLN A 24 -6.64 15.84 15.12
C GLN A 24 -5.18 15.83 14.66
N GLY A 25 -4.61 17.00 14.41
CA GLY A 25 -3.22 17.11 13.98
C GLY A 25 -3.02 17.11 12.47
N VAL A 26 -4.12 17.10 11.72
CA VAL A 26 -4.09 17.11 10.24
C VAL A 26 -3.35 18.34 9.70
N GLU A 27 -2.37 18.10 8.83
CA GLU A 27 -1.62 19.19 8.17
C GLU A 27 -1.91 19.28 6.67
N THR A 28 -2.41 18.19 6.08
CA THR A 28 -2.62 18.11 4.64
C THR A 28 -3.94 17.43 4.32
N VAL A 29 -4.67 17.99 3.36
CA VAL A 29 -5.84 17.30 2.80
C VAL A 29 -5.74 17.27 1.27
N PHE A 30 -6.52 16.39 0.67
CA PHE A 30 -6.60 16.29 -0.79
C PHE A 30 -8.06 16.48 -1.17
N ALA A 31 -8.39 17.70 -1.57
CA ALA A 31 -9.78 18.11 -1.71
C ALA A 31 -10.05 18.73 -3.07
N TYR A 32 -11.10 18.24 -3.72
CA TYR A 32 -11.56 18.77 -5.00
C TYR A 32 -12.94 19.38 -4.80
N PRO A 33 -13.08 20.69 -5.05
CA PRO A 33 -14.31 21.39 -4.73
C PRO A 33 -15.50 21.06 -5.63
N GLY A 34 -16.69 21.13 -5.04
CA GLY A 34 -17.93 21.12 -5.80
C GLY A 34 -19.03 21.79 -5.01
N GLY A 35 -20.22 21.86 -5.63
CA GLY A 35 -21.36 22.55 -5.05
C GLY A 35 -21.61 22.23 -3.59
N ALA A 36 -21.69 20.92 -3.29
CA ALA A 36 -22.07 20.47 -1.95
C ALA A 36 -20.96 20.60 -0.90
N SER A 37 -19.75 20.99 -1.32
CA SER A 37 -18.63 21.08 -0.38
C SER A 37 -17.96 22.47 -0.38
N MET A 38 -18.53 23.41 -1.11
CA MET A 38 -17.97 24.76 -1.21
C MET A 38 -17.65 25.37 0.15
N GLU A 39 -18.58 25.22 1.09
CA GLU A 39 -18.42 25.75 2.45
C GLU A 39 -17.16 25.20 3.13
N ILE A 40 -16.94 23.90 3.01
CA ILE A 40 -15.75 23.27 3.57
C ILE A 40 -14.47 23.85 2.97
N HIS A 41 -14.48 24.09 1.66
CA HIS A 41 -13.35 24.72 0.97
C HIS A 41 -13.14 26.16 1.40
N GLN A 42 -14.24 26.88 1.64
CA GLN A 42 -14.17 28.24 2.17
C GLN A 42 -13.53 28.25 3.55
N ALA A 43 -13.94 27.29 4.39
CA ALA A 43 -13.41 27.15 5.74
C ALA A 43 -11.93 26.77 5.73
N LEU A 44 -11.57 25.96 4.74
CA LEU A 44 -10.21 25.48 4.56
C LEU A 44 -9.23 26.63 4.27
N THR A 45 -9.66 27.63 3.51
CA THR A 45 -8.79 28.77 3.21
C THR A 45 -8.53 29.62 4.46
N ARG A 46 -9.45 29.54 5.42
CA ARG A 46 -9.31 30.26 6.69
C ARG A 46 -8.30 29.61 7.64
N SER A 47 -8.08 28.30 7.47
CA SER A 47 -7.07 27.58 8.24
C SER A 47 -5.69 28.00 7.79
N SER A 48 -4.80 28.21 8.75
CA SER A 48 -3.41 28.53 8.41
C SER A 48 -2.49 27.32 8.59
N SER A 49 -3.02 26.23 9.12
CA SER A 49 -2.20 25.06 9.41
C SER A 49 -2.39 23.89 8.43
N ILE A 50 -3.55 23.84 7.77
CA ILE A 50 -3.83 22.78 6.79
C ILE A 50 -3.61 23.27 5.37
N ARG A 51 -2.77 22.56 4.61
CA ARG A 51 -2.70 22.83 3.18
C ARG A 51 -3.55 21.82 2.38
N ASN A 52 -4.24 22.35 1.37
CA ASN A 52 -4.96 21.53 0.42
C ASN A 52 -4.12 21.31 -0.82
N VAL A 53 -4.02 20.06 -1.22
CA VAL A 53 -3.41 19.72 -2.49
C VAL A 53 -4.56 19.37 -3.43
N LEU A 54 -4.80 20.25 -4.40
CA LEU A 54 -5.89 20.06 -5.35
C LEU A 54 -5.52 19.07 -6.46
N PRO A 55 -6.20 17.90 -6.48
CA PRO A 55 -5.93 16.92 -7.53
C PRO A 55 -6.67 17.32 -8.81
N ARG A 56 -6.51 16.55 -9.88
CA ARG A 56 -7.26 16.85 -11.09
C ARG A 56 -8.44 15.91 -11.30
N HIS A 57 -8.53 14.89 -10.45
CA HIS A 57 -9.63 13.94 -10.43
C HIS A 57 -9.68 13.44 -8.99
N GLU A 58 -10.87 13.27 -8.42
CA GLU A 58 -10.89 12.85 -7.02
C GLU A 58 -10.44 11.41 -6.75
N GLN A 59 -10.35 10.59 -7.80
CA GLN A 59 -9.66 9.30 -7.66
C GLN A 59 -8.17 9.57 -7.42
N GLY A 60 -7.63 10.56 -8.12
CA GLY A 60 -6.31 11.13 -7.82
C GLY A 60 -6.23 11.57 -6.38
N GLY A 61 -7.30 12.19 -5.88
CA GLY A 61 -7.42 12.59 -4.48
C GLY A 61 -7.23 11.45 -3.48
N VAL A 62 -8.12 10.45 -3.50
CA VAL A 62 -7.98 9.31 -2.58
C VAL A 62 -6.64 8.62 -2.68
N PHE A 63 -6.20 8.33 -3.91
CA PHE A 63 -4.94 7.63 -4.10
C PHE A 63 -3.76 8.43 -3.53
N ALA A 64 -3.81 9.75 -3.67
CA ALA A 64 -2.83 10.62 -3.02
C ALA A 64 -2.88 10.50 -1.50
N ALA A 65 -4.09 10.52 -0.93
CA ALA A 65 -4.29 10.38 0.51
C ALA A 65 -3.75 9.03 0.99
N GLU A 66 -3.92 8.01 0.17
CA GLU A 66 -3.38 6.68 0.47
C GLU A 66 -1.86 6.69 0.49
N GLY A 67 -1.27 7.32 -0.52
CA GLY A 67 0.19 7.46 -0.62
C GLY A 67 0.71 8.18 0.59
N TYR A 68 0.03 9.27 0.94
CA TYR A 68 0.32 10.05 2.15
C TYR A 68 0.33 9.14 3.38
N ALA A 69 -0.77 8.44 3.63
CA ALA A 69 -0.90 7.51 4.75
C ALA A 69 0.15 6.41 4.74
N ARG A 70 0.30 5.74 3.60
CA ARG A 70 1.17 4.58 3.48
C ARG A 70 2.64 4.91 3.70
N SER A 71 3.02 6.15 3.38
CA SER A 71 4.42 6.56 3.45
C SER A 71 4.79 7.25 4.76
N SER A 72 3.80 7.45 5.64
CA SER A 72 3.99 8.28 6.83
C SER A 72 3.51 7.65 8.14
N GLY A 73 2.55 6.74 8.06
CA GLY A 73 1.94 6.21 9.26
C GLY A 73 0.82 7.07 9.81
N LYS A 74 0.59 8.23 9.17
CA LYS A 74 -0.49 9.16 9.54
C LYS A 74 -1.72 8.83 8.70
N PRO A 75 -2.94 9.16 9.18
CA PRO A 75 -4.09 8.95 8.30
C PRO A 75 -4.08 9.89 7.08
N GLY A 76 -4.63 9.43 5.96
CA GLY A 76 -4.78 10.26 4.78
C GLY A 76 -6.17 10.87 4.73
N ILE A 77 -6.25 12.15 4.43
CA ILE A 77 -7.54 12.82 4.35
C ILE A 77 -7.83 13.30 2.93
N CYS A 78 -8.99 12.90 2.41
CA CYS A 78 -9.46 13.43 1.13
C CYS A 78 -10.89 13.96 1.26
N ILE A 79 -11.17 15.03 0.54
CA ILE A 79 -12.48 15.65 0.56
C ILE A 79 -13.04 15.72 -0.85
N ALA A 80 -14.32 15.41 -0.98
CA ALA A 80 -15.00 15.44 -2.27
C ALA A 80 -16.38 16.07 -2.11
N THR A 81 -16.93 16.57 -3.22
CA THR A 81 -18.30 17.08 -3.22
C THR A 81 -19.31 15.92 -3.26
N SER A 82 -20.60 16.23 -3.29
CA SER A 82 -21.61 15.20 -3.36
C SER A 82 -21.63 14.52 -4.72
N GLY A 83 -22.46 13.50 -4.85
CA GLY A 83 -22.74 12.88 -6.13
C GLY A 83 -21.52 12.33 -6.83
N PRO A 84 -21.19 12.91 -8.00
CA PRO A 84 -20.10 12.35 -8.81
C PRO A 84 -18.74 12.48 -8.12
N GLY A 85 -18.58 13.52 -7.29
CA GLY A 85 -17.38 13.67 -6.48
C GLY A 85 -17.21 12.46 -5.59
N ALA A 86 -18.25 12.17 -4.81
CA ALA A 86 -18.28 11.04 -3.89
C ALA A 86 -18.05 9.70 -4.57
N THR A 87 -18.75 9.45 -5.67
CA THR A 87 -18.57 8.18 -6.38
C THR A 87 -17.16 7.98 -6.91
N ASN A 88 -16.48 9.07 -7.28
CA ASN A 88 -15.10 8.95 -7.76
C ASN A 88 -14.07 8.47 -6.71
N LEU A 89 -14.45 8.50 -5.43
CA LEU A 89 -13.58 8.04 -4.36
C LEU A 89 -13.63 6.52 -4.20
N VAL A 90 -14.67 5.92 -4.76
CA VAL A 90 -15.04 4.53 -4.44
C VAL A 90 -13.87 3.53 -4.56
N SER A 91 -13.14 3.55 -5.67
CA SER A 91 -11.98 2.66 -5.84
C SER A 91 -10.94 2.83 -4.73
N GLY A 92 -10.68 4.07 -4.32
CA GLY A 92 -9.74 4.36 -3.25
C GLY A 92 -10.15 3.82 -1.89
N LEU A 93 -11.44 3.92 -1.57
CA LEU A 93 -11.96 3.39 -0.33
C LEU A 93 -11.80 1.86 -0.28
N ALA A 94 -12.25 1.19 -1.34
CA ALA A 94 -12.09 -0.25 -1.46
C ALA A 94 -10.62 -0.64 -1.33
N ASP A 95 -9.74 0.16 -1.93
CA ASP A 95 -8.30 -0.09 -1.92
C ASP A 95 -7.76 0.02 -0.50
N ALA A 96 -8.14 1.09 0.19
CA ALA A 96 -7.75 1.31 1.58
C ALA A 96 -8.26 0.22 2.53
N LEU A 97 -9.50 -0.22 2.33
CA LEU A 97 -10.05 -1.26 3.17
C LEU A 97 -9.28 -2.56 3.02
N LEU A 98 -9.05 -2.96 1.78
CA LEU A 98 -8.41 -4.22 1.50
C LEU A 98 -6.96 -4.25 1.94
N ASP A 99 -6.29 -3.11 1.88
CA ASP A 99 -4.88 -3.02 2.25
C ASP A 99 -4.68 -2.51 3.68
N SER A 100 -5.77 -2.32 4.40
CA SER A 100 -5.73 -1.83 5.79
C SER A 100 -4.95 -0.52 5.94
N VAL A 101 -5.39 0.49 5.19
CA VAL A 101 -4.75 1.80 5.15
C VAL A 101 -5.63 2.83 5.85
N PRO A 102 -5.07 3.57 6.85
CA PRO A 102 -5.89 4.54 7.58
C PRO A 102 -6.27 5.73 6.73
N LEU A 103 -7.56 6.05 6.67
CA LEU A 103 -8.05 7.07 5.75
C LEU A 103 -9.34 7.67 6.26
N VAL A 104 -9.46 8.99 6.19
CA VAL A 104 -10.73 9.67 6.48
C VAL A 104 -11.17 10.40 5.22
N ALA A 105 -12.31 9.97 4.68
CA ALA A 105 -12.89 10.57 3.49
C ALA A 105 -14.10 11.41 3.89
N ILE A 106 -14.03 12.71 3.67
CA ILE A 106 -15.20 13.57 3.90
C ILE A 106 -15.85 13.92 2.57
N THR A 107 -17.17 13.69 2.50
CA THR A 107 -17.92 14.08 1.32
C THR A 107 -19.03 15.05 1.69
N GLY A 108 -19.14 16.13 0.93
CA GLY A 108 -20.32 16.98 1.00
C GLY A 108 -21.53 16.18 0.55
N GLN A 109 -22.69 16.53 1.06
CA GLN A 109 -23.93 15.88 0.66
C GLN A 109 -24.97 16.98 0.46
N VAL A 110 -26.07 16.67 -0.22
CA VAL A 110 -27.15 17.63 -0.40
C VAL A 110 -27.78 17.98 0.97
N PRO A 111 -28.53 19.11 1.05
CA PRO A 111 -29.20 19.41 2.32
C PRO A 111 -30.04 18.24 2.83
N ARG A 112 -30.08 18.08 4.15
CA ARG A 112 -30.77 16.98 4.81
C ARG A 112 -32.20 16.71 4.30
N ARG A 113 -32.94 17.77 4.04
CA ARG A 113 -34.32 17.62 3.57
C ARG A 113 -34.42 17.14 2.11
N MET A 114 -33.33 17.30 1.35
CA MET A 114 -33.30 16.86 -0.05
C MET A 114 -32.96 15.37 -0.17
N ILE A 115 -32.48 14.77 0.93
CA ILE A 115 -31.99 13.39 0.90
C ILE A 115 -33.12 12.43 0.57
N GLY A 116 -32.86 11.52 -0.37
CA GLY A 116 -33.84 10.54 -0.84
C GLY A 116 -34.86 11.05 -1.86
N THR A 117 -34.67 12.28 -2.34
CA THR A 117 -35.58 12.87 -3.31
C THR A 117 -35.04 12.82 -4.75
N ASP A 118 -33.92 12.14 -4.96
CA ASP A 118 -33.21 12.16 -6.25
C ASP A 118 -32.78 13.59 -6.59
N ALA A 119 -32.23 14.28 -5.59
CA ALA A 119 -31.82 15.66 -5.74
C ALA A 119 -30.61 15.80 -6.66
N PHE A 120 -30.36 17.04 -7.08
CA PHE A 120 -29.20 17.38 -7.90
C PHE A 120 -27.91 16.93 -7.22
N GLN A 121 -27.16 16.10 -7.94
CA GLN A 121 -25.87 15.57 -7.46
C GLN A 121 -25.99 14.79 -6.15
N GLU A 122 -27.09 14.05 -6.00
CA GLU A 122 -27.26 13.23 -4.82
C GLU A 122 -26.90 11.78 -5.11
N THR A 123 -26.09 11.19 -4.25
CA THR A 123 -25.81 9.78 -4.27
C THR A 123 -25.95 9.30 -2.84
N PRO A 124 -26.56 8.11 -2.64
CA PRO A 124 -26.60 7.56 -1.30
C PRO A 124 -25.25 6.94 -0.96
N ILE A 125 -24.26 7.79 -0.76
CA ILE A 125 -22.87 7.35 -0.66
C ILE A 125 -22.62 6.44 0.55
N VAL A 126 -23.33 6.69 1.64
CA VAL A 126 -23.24 5.87 2.84
C VAL A 126 -23.68 4.44 2.54
N GLU A 127 -24.78 4.32 1.80
CA GLU A 127 -25.27 3.02 1.35
C GLU A 127 -24.28 2.36 0.38
N VAL A 128 -23.76 3.15 -0.57
CA VAL A 128 -22.83 2.65 -1.58
C VAL A 128 -21.54 2.11 -0.96
N THR A 129 -21.01 2.82 0.02
CA THR A 129 -19.70 2.52 0.59
C THR A 129 -19.71 1.66 1.86
N ARG A 130 -20.89 1.21 2.29
CA ARG A 130 -21.01 0.45 3.55
C ARG A 130 -20.11 -0.80 3.56
N SER A 131 -20.10 -1.54 2.45
CA SER A 131 -19.31 -2.76 2.35
C SER A 131 -17.84 -2.53 1.99
N ILE A 132 -17.46 -1.30 1.65
CA ILE A 132 -16.08 -1.01 1.24
C ILE A 132 -15.36 0.02 2.12
N THR A 133 -15.88 0.22 3.33
CA THR A 133 -15.23 1.07 4.34
C THR A 133 -15.24 0.36 5.69
N LYS A 134 -14.34 0.75 6.59
CA LYS A 134 -14.32 0.18 7.94
C LYS A 134 -15.60 0.61 8.68
N HIS A 135 -16.01 1.85 8.44
CA HIS A 135 -17.23 2.42 9.02
C HIS A 135 -17.54 3.68 8.24
N ASN A 136 -18.79 4.13 8.30
CA ASN A 136 -19.15 5.44 7.73
C ASN A 136 -20.23 6.15 8.53
N TYR A 137 -20.51 7.40 8.16
CA TYR A 137 -21.37 8.27 8.93
C TYR A 137 -22.15 9.19 8.01
N LEU A 138 -23.41 9.42 8.35
CA LEU A 138 -24.14 10.55 7.80
C LEU A 138 -24.41 11.52 8.93
N VAL A 139 -23.79 12.70 8.87
CA VAL A 139 -23.96 13.70 9.92
C VAL A 139 -25.35 14.30 9.79
N MET A 140 -26.13 14.22 10.86
CA MET A 140 -27.51 14.69 10.83
C MET A 140 -27.72 15.91 11.71
N ASP A 141 -26.67 16.33 12.41
CA ASP A 141 -26.71 17.53 13.23
C ASP A 141 -25.32 18.13 13.39
N VAL A 142 -25.25 19.45 13.27
CA VAL A 142 -24.02 20.20 13.48
C VAL A 142 -23.36 19.93 14.85
N GLU A 143 -24.18 19.68 15.88
CA GLU A 143 -23.67 19.33 17.21
C GLU A 143 -22.82 18.05 17.19
N ASP A 144 -23.02 17.20 16.19
CA ASP A 144 -22.34 15.92 16.15
C ASP A 144 -20.96 15.95 15.48
N ILE A 145 -20.62 17.07 14.82
CA ILE A 145 -19.38 17.12 14.04
C ILE A 145 -18.13 16.80 14.87
N PRO A 146 -17.93 17.48 16.02
CA PRO A 146 -16.75 17.15 16.84
C PRO A 146 -16.65 15.67 17.20
N ARG A 147 -17.75 15.05 17.59
CA ARG A 147 -17.75 13.64 17.98
C ARG A 147 -17.44 12.73 16.80
N ILE A 148 -18.12 12.96 15.68
CA ILE A 148 -17.98 12.10 14.52
C ILE A 148 -16.55 12.15 13.97
N ILE A 149 -15.99 13.35 13.82
CA ILE A 149 -14.62 13.50 13.38
C ILE A 149 -13.66 12.74 14.32
N GLU A 150 -13.85 12.89 15.63
CA GLU A 150 -12.97 12.18 16.57
C GLU A 150 -13.10 10.66 16.43
N GLU A 151 -14.32 10.17 16.31
CA GLU A 151 -14.57 8.75 16.09
C GLU A 151 -13.99 8.26 14.76
N ALA A 152 -14.16 9.04 13.70
CA ALA A 152 -13.65 8.68 12.39
C ALA A 152 -12.14 8.48 12.42
N PHE A 153 -11.41 9.41 13.05
CA PHE A 153 -9.97 9.28 13.16
C PHE A 153 -9.57 8.13 14.07
N PHE A 154 -10.30 7.95 15.16
CA PHE A 154 -9.97 6.89 16.08
C PHE A 154 -10.15 5.53 15.39
N LEU A 155 -11.24 5.39 14.63
CA LEU A 155 -11.54 4.12 13.98
C LEU A 155 -10.60 3.82 12.83
N ALA A 156 -10.26 4.86 12.07
CA ALA A 156 -9.37 4.71 10.92
C ALA A 156 -7.95 4.29 11.30
N THR A 157 -7.51 4.70 12.50
CA THR A 157 -6.11 4.53 12.88
C THR A 157 -5.85 3.42 13.89
N SER A 158 -6.88 3.05 14.66
CA SER A 158 -6.74 2.05 15.72
C SER A 158 -7.04 0.65 15.19
N GLY A 159 -6.69 -0.37 15.98
CA GLY A 159 -6.92 -1.76 15.61
C GLY A 159 -6.34 -2.07 14.24
N ARG A 160 -7.15 -2.68 13.38
CA ARG A 160 -6.78 -2.87 12.00
C ARG A 160 -7.17 -1.58 11.28
N PRO A 161 -6.17 -0.79 10.84
CA PRO A 161 -6.44 0.49 10.19
C PRO A 161 -7.31 0.32 8.93
N GLY A 162 -8.05 1.37 8.56
CA GLY A 162 -8.96 1.31 7.41
C GLY A 162 -9.61 2.64 7.08
N PRO A 163 -10.36 2.71 5.95
CA PRO A 163 -10.98 3.98 5.58
C PRO A 163 -12.32 4.21 6.29
N VAL A 164 -12.53 5.45 6.72
CA VAL A 164 -13.80 5.87 7.30
C VAL A 164 -14.30 7.07 6.51
N LEU A 165 -15.57 7.01 6.12
CA LEU A 165 -16.19 8.08 5.33
C LEU A 165 -17.21 8.84 6.16
N VAL A 166 -17.17 10.16 6.06
CA VAL A 166 -18.10 11.02 6.77
C VAL A 166 -18.85 11.90 5.77
N ASP A 167 -20.16 11.69 5.68
CA ASP A 167 -21.00 12.41 4.74
C ASP A 167 -21.67 13.59 5.45
N VAL A 168 -21.48 14.78 4.90
CA VAL A 168 -21.84 16.01 5.58
C VAL A 168 -22.78 16.88 4.73
N PRO A 169 -24.08 16.87 5.06
CA PRO A 169 -25.09 17.64 4.34
C PRO A 169 -24.77 19.14 4.34
N LYS A 170 -25.11 19.80 3.23
CA LYS A 170 -24.76 21.19 3.00
C LYS A 170 -25.35 22.14 4.04
N ASP A 171 -26.57 21.88 4.49
CA ASP A 171 -27.22 22.74 5.48
C ASP A 171 -26.51 22.67 6.83
N ILE A 172 -25.93 21.53 7.13
CA ILE A 172 -25.14 21.36 8.34
C ILE A 172 -23.80 22.11 8.29
N GLN A 173 -23.22 22.17 7.08
CA GLN A 173 -22.03 22.99 6.84
C GLN A 173 -22.28 24.47 7.10
N GLN A 174 -23.53 24.92 6.90
CA GLN A 174 -23.88 26.35 6.98
C GLN A 174 -24.45 26.74 8.32
N GLN A 175 -24.88 25.75 9.09
CA GLN A 175 -25.51 26.01 10.39
C GLN A 175 -24.48 26.58 11.39
N LEU A 176 -24.87 27.65 12.06
CA LEU A 176 -24.04 28.25 13.09
C LEU A 176 -24.19 27.47 14.41
N ALA A 177 -23.07 27.20 15.08
CA ALA A 177 -23.08 26.53 16.38
C ALA A 177 -21.81 26.77 17.19
N ILE A 178 -21.89 26.49 18.49
CA ILE A 178 -20.73 26.50 19.38
C ILE A 178 -20.32 25.06 19.64
N PRO A 179 -19.16 24.65 19.12
CA PRO A 179 -18.74 23.25 19.21
C PRO A 179 -18.37 22.86 20.64
N ASN A 180 -18.68 21.62 21.01
CA ASN A 180 -18.22 21.07 22.26
C ASN A 180 -17.17 20.00 22.00
N TRP A 181 -15.96 20.25 22.47
CA TRP A 181 -14.81 19.38 22.19
C TRP A 181 -14.59 18.33 23.27
N GLU A 182 -15.41 18.36 24.31
CA GLU A 182 -15.26 17.47 25.48
C GLU A 182 -16.09 16.19 25.40
N GLN A 183 -16.89 16.05 24.35
CA GLN A 183 -17.83 14.93 24.20
C GLN A 183 -17.15 13.57 24.19
N ALA A 184 -17.82 12.59 24.79
CA ALA A 184 -17.35 11.22 24.79
C ALA A 184 -17.70 10.54 23.46
N MET A 185 -16.76 9.76 22.93
CA MET A 185 -17.02 8.92 21.77
C MET A 185 -18.04 7.83 22.11
N ARG A 186 -18.90 7.51 21.14
CA ARG A 186 -19.90 6.46 21.31
C ARG A 186 -19.47 5.19 20.59
N LEU A 187 -18.41 4.56 21.10
CA LEU A 187 -17.92 3.32 20.53
C LEU A 187 -17.73 2.25 21.59
N PRO A 188 -18.80 1.95 22.37
CA PRO A 188 -18.64 1.07 23.53
C PRO A 188 -18.23 -0.33 23.11
N GLY A 189 -18.83 -0.85 22.04
CA GLY A 189 -18.58 -2.19 21.57
C GLY A 189 -17.16 -2.35 21.07
N TYR A 190 -16.80 -1.53 20.08
CA TYR A 190 -15.46 -1.50 19.50
C TYR A 190 -14.39 -1.31 20.57
N MET A 191 -14.56 -0.31 21.43
CA MET A 191 -13.59 -0.04 22.48
C MET A 191 -13.40 -1.16 23.49
N SER A 192 -14.47 -1.89 23.79
CA SER A 192 -14.39 -2.99 24.75
C SER A 192 -13.74 -4.24 24.16
N ARG A 193 -13.82 -4.41 22.84
CA ARG A 193 -13.16 -5.55 22.22
C ARG A 193 -11.89 -5.15 21.46
N MET A 194 -11.24 -4.08 21.93
CA MET A 194 -9.90 -3.73 21.49
C MET A 194 -8.88 -4.69 22.10
N PRO A 195 -7.92 -5.17 21.28
CA PRO A 195 -6.96 -6.16 21.77
C PRO A 195 -6.11 -5.64 22.91
N LYS A 196 -5.78 -6.52 23.84
CA LYS A 196 -5.03 -6.16 25.05
C LYS A 196 -3.54 -6.46 24.85
N PRO A 197 -2.68 -5.96 25.77
CA PRO A 197 -1.29 -6.39 25.72
C PRO A 197 -1.19 -7.91 25.84
N PRO A 198 -0.29 -8.54 25.08
CA PRO A 198 -0.19 -10.00 25.07
C PRO A 198 0.16 -10.60 26.45
N GLU A 199 -0.35 -11.80 26.69
CA GLU A 199 -0.07 -12.56 27.92
C GLU A 199 1.34 -13.13 27.86
N ASP A 200 2.04 -13.11 28.99
CA ASP A 200 3.36 -13.73 29.08
C ASP A 200 3.31 -15.21 28.71
N SER A 201 2.31 -15.92 29.26
CA SER A 201 2.13 -17.36 29.04
C SER A 201 1.98 -17.75 27.56
N HIS A 202 1.29 -16.91 26.78
CA HIS A 202 1.18 -17.11 25.33
C HIS A 202 2.55 -16.95 24.68
N LEU A 203 3.27 -15.90 25.06
CA LEU A 203 4.57 -15.58 24.47
C LEU A 203 5.65 -16.60 24.81
N GLU A 204 5.59 -17.14 26.02
CA GLU A 204 6.52 -18.17 26.49
C GLU A 204 6.42 -19.44 25.63
N GLN A 205 5.18 -19.78 25.26
N GLN A 205 5.20 -19.80 25.23
CA GLN A 205 4.86 -20.96 24.46
CA GLN A 205 5.00 -21.02 24.48
C GLN A 205 5.46 -20.88 23.06
C GLN A 205 5.34 -20.91 22.99
N ILE A 206 5.43 -19.68 22.48
CA ILE A 206 5.95 -19.46 21.14
C ILE A 206 7.47 -19.64 21.17
N VAL A 207 8.11 -19.00 22.16
CA VAL A 207 9.54 -19.14 22.37
C VAL A 207 9.91 -20.61 22.59
N ARG A 208 9.02 -21.36 23.26
CA ARG A 208 9.22 -22.79 23.46
C ARG A 208 9.17 -23.58 22.15
N LEU A 209 8.20 -23.25 21.29
CA LEU A 209 8.07 -23.89 19.98
C LEU A 209 9.26 -23.59 19.08
N ILE A 210 9.79 -22.37 19.20
CA ILE A 210 10.97 -21.98 18.46
C ILE A 210 12.15 -22.89 18.83
N SER A 211 12.34 -23.11 20.13
CA SER A 211 13.43 -23.95 20.62
C SER A 211 13.27 -25.42 20.21
N GLU A 212 12.02 -25.85 19.99
CA GLU A 212 11.73 -27.23 19.61
C GLU A 212 11.75 -27.48 18.11
N SER A 213 11.77 -26.40 17.33
CA SER A 213 11.77 -26.50 15.87
C SER A 213 13.18 -26.60 15.30
N LYS A 214 13.27 -27.13 14.08
CA LYS A 214 14.54 -27.23 13.38
C LYS A 214 14.49 -26.48 12.05
N LYS A 215 13.28 -26.19 11.57
CA LYS A 215 13.08 -25.49 10.30
C LYS A 215 12.06 -24.34 10.39
N PRO A 216 12.35 -23.32 11.24
CA PRO A 216 11.38 -22.23 11.40
C PRO A 216 11.45 -21.19 10.29
N VAL A 217 10.32 -20.53 10.01
CA VAL A 217 10.26 -19.47 9.00
C VAL A 217 9.39 -18.32 9.49
N LEU A 218 9.89 -17.10 9.34
CA LEU A 218 9.07 -15.92 9.56
C LEU A 218 8.28 -15.57 8.30
N TYR A 219 6.97 -15.49 8.46
CA TYR A 219 6.04 -15.13 7.40
C TYR A 219 5.43 -13.78 7.79
N VAL A 220 5.97 -12.72 7.19
CA VAL A 220 5.79 -11.37 7.67
C VAL A 220 5.05 -10.53 6.65
N GLY A 221 4.12 -9.70 7.12
CA GLY A 221 3.28 -8.91 6.24
C GLY A 221 3.04 -7.48 6.67
N GLY A 222 2.04 -6.84 6.06
CA GLY A 222 1.72 -5.45 6.31
C GLY A 222 1.46 -5.08 7.77
N GLY A 223 1.09 -6.06 8.58
CA GLY A 223 0.88 -5.82 10.01
C GLY A 223 2.16 -5.47 10.77
N CYS A 224 3.31 -5.75 10.16
CA CYS A 224 4.60 -5.47 10.79
C CYS A 224 5.19 -4.10 10.42
N LEU A 225 4.40 -3.26 9.76
CA LEU A 225 4.91 -1.98 9.22
C LEU A 225 5.47 -1.01 10.27
N ASN A 226 5.06 -1.17 11.52
CA ASN A 226 5.56 -0.32 12.61
C ASN A 226 6.41 -1.08 13.60
N SER A 227 6.94 -2.23 13.18
CA SER A 227 7.64 -3.12 14.10
C SER A 227 9.02 -3.52 13.60
N SER A 228 9.58 -2.74 12.69
CA SER A 228 10.84 -3.09 12.06
C SER A 228 11.99 -3.26 13.05
N ASP A 229 12.07 -2.36 14.04
CA ASP A 229 13.08 -2.46 15.09
C ASP A 229 12.89 -3.75 15.91
N GLU A 230 11.66 -3.94 16.38
CA GLU A 230 11.28 -5.12 17.15
C GLU A 230 11.54 -6.42 16.38
N LEU A 231 11.18 -6.43 15.10
CA LEU A 231 11.41 -7.58 14.24
C LEU A 231 12.89 -7.81 14.01
N GLY A 232 13.64 -6.71 13.84
CA GLY A 232 15.09 -6.77 13.67
C GLY A 232 15.74 -7.47 14.85
N ARG A 233 15.35 -7.03 16.06
CA ARG A 233 15.86 -7.60 17.30
C ARG A 233 15.47 -9.08 17.43
N PHE A 234 14.24 -9.39 17.04
CA PHE A 234 13.72 -10.76 17.09
C PHE A 234 14.54 -11.71 16.21
N VAL A 235 14.86 -11.27 14.99
CA VAL A 235 15.67 -12.06 14.06
C VAL A 235 17.11 -12.19 14.59
N GLU A 236 17.64 -11.09 15.12
CA GLU A 236 18.98 -11.06 15.68
C GLU A 236 19.13 -12.01 16.88
N LEU A 237 18.02 -12.28 17.56
CA LEU A 237 18.01 -13.15 18.73
C LEU A 237 17.61 -14.60 18.42
N THR A 238 17.16 -14.86 17.20
CA THR A 238 16.67 -16.21 16.86
C THR A 238 17.34 -16.79 15.64
N GLY A 239 17.78 -15.92 14.73
CA GLY A 239 18.35 -16.35 13.47
C GLY A 239 17.36 -17.05 12.56
N ILE A 240 16.08 -16.72 12.70
CA ILE A 240 15.03 -17.27 11.85
C ILE A 240 14.94 -16.48 10.55
N PRO A 241 14.96 -17.19 9.40
CA PRO A 241 14.88 -16.51 8.11
C PRO A 241 13.49 -15.91 7.85
N VAL A 242 13.45 -14.83 7.05
CA VAL A 242 12.25 -14.01 6.91
C VAL A 242 11.71 -13.98 5.48
N ALA A 243 10.49 -14.50 5.30
CA ALA A 243 9.76 -14.35 4.05
C ALA A 243 8.73 -13.24 4.23
N THR A 244 8.48 -12.49 3.16
CA THR A 244 7.61 -11.33 3.23
C THR A 244 6.50 -11.37 2.19
N THR A 245 5.34 -10.85 2.55
CA THR A 245 4.28 -10.61 1.58
C THR A 245 4.59 -9.33 0.81
N LEU A 246 3.83 -9.11 -0.27
CA LEU A 246 3.98 -7.86 -1.02
C LEU A 246 3.73 -6.65 -0.14
N MET A 247 2.83 -6.77 0.81
CA MET A 247 2.51 -5.69 1.71
C MET A 247 3.58 -5.48 2.79
N GLY A 248 4.38 -6.51 3.04
CA GLY A 248 5.36 -6.44 4.12
C GLY A 248 6.74 -5.98 3.74
N LEU A 249 7.00 -5.83 2.44
CA LEU A 249 8.35 -5.51 1.95
C LEU A 249 9.00 -4.38 2.74
N GLY A 250 10.20 -4.64 3.24
CA GLY A 250 10.97 -3.62 3.94
C GLY A 250 10.88 -3.67 5.45
N SER A 251 9.95 -4.47 5.98
CA SER A 251 9.86 -4.70 7.41
C SER A 251 11.18 -5.29 7.92
N TYR A 252 11.66 -6.31 7.23
CA TYR A 252 13.03 -6.79 7.40
C TYR A 252 13.82 -6.43 6.14
N PRO A 253 14.98 -5.76 6.31
CA PRO A 253 15.77 -5.26 5.16
C PRO A 253 16.01 -6.33 4.10
N ASP A 255 18.07 -6.60 1.70
CA ASP A 255 19.48 -6.87 1.37
C ASP A 255 20.26 -7.65 2.43
N ASP A 256 19.58 -7.99 3.52
CA ASP A 256 20.16 -8.79 4.59
C ASP A 256 20.27 -10.26 4.16
N GLU A 257 21.28 -10.96 4.67
CA GLU A 257 21.51 -12.37 4.32
C GLU A 257 20.43 -13.33 4.84
N LEU A 258 19.74 -12.93 5.92
CA LEU A 258 18.69 -13.74 6.51
C LEU A 258 17.36 -13.61 5.79
N SER A 259 17.32 -12.73 4.79
CA SER A 259 16.10 -12.44 4.04
C SER A 259 15.82 -13.45 2.93
N LEU A 260 14.59 -13.97 2.90
CA LEU A 260 14.15 -14.89 1.85
C LEU A 260 13.42 -14.11 0.77
N HIS A 261 13.31 -12.80 0.96
CA HIS A 261 12.56 -11.90 0.08
C HIS A 261 11.07 -12.25 0.05
N MET A 262 10.40 -12.00 -1.06
CA MET A 262 8.96 -12.17 -1.15
C MET A 262 8.56 -13.62 -1.42
N LEU A 263 7.53 -14.09 -0.71
CA LEU A 263 6.93 -15.39 -1.01
C LEU A 263 5.63 -15.18 -1.80
N GLY A 264 4.99 -16.27 -2.22
CA GLY A 264 3.73 -16.17 -2.98
C GLY A 264 3.83 -16.52 -4.45
N MET A 265 2.76 -16.23 -5.19
CA MET A 265 2.62 -16.54 -6.61
CA MET A 265 2.65 -16.60 -6.60
C MET A 265 3.84 -16.12 -7.42
N HIS A 266 4.32 -14.91 -7.15
CA HIS A 266 5.47 -14.37 -7.84
C HIS A 266 6.65 -14.23 -6.90
N GLY A 267 6.60 -14.98 -5.80
CA GLY A 267 7.68 -15.03 -4.82
C GLY A 267 8.90 -15.77 -5.32
N THR A 268 9.98 -15.74 -4.54
CA THR A 268 11.20 -16.44 -4.86
C THR A 268 11.05 -17.92 -4.57
N VAL A 269 11.66 -18.75 -5.41
CA VAL A 269 11.62 -20.20 -5.22
C VAL A 269 12.04 -20.55 -3.80
N TYR A 270 13.08 -19.88 -3.29
CA TYR A 270 13.59 -20.17 -1.96
C TYR A 270 12.66 -19.76 -0.80
N ALA A 271 12.00 -18.62 -0.94
CA ALA A 271 11.01 -18.20 0.05
C ALA A 271 9.88 -19.23 0.12
N ASN A 272 9.36 -19.64 -1.03
CA ASN A 272 8.31 -20.65 -1.08
C ASN A 272 8.77 -22.04 -0.62
N TYR A 273 10.00 -22.40 -0.99
CA TYR A 273 10.60 -23.65 -0.53
C TYR A 273 10.62 -23.67 1.00
N ALA A 274 11.15 -22.60 1.59
CA ALA A 274 11.23 -22.45 3.04
C ALA A 274 9.89 -22.74 3.73
N VAL A 275 8.83 -22.09 3.22
CA VAL A 275 7.50 -22.26 3.79
C VAL A 275 7.00 -23.69 3.58
N GLU A 276 7.17 -24.19 2.37
CA GLU A 276 6.74 -25.55 2.01
C GLU A 276 7.28 -26.61 2.96
N HIS A 277 8.54 -26.46 3.36
CA HIS A 277 9.23 -27.47 4.16
C HIS A 277 9.49 -27.08 5.61
N SER A 278 8.90 -25.95 6.03
CA SER A 278 9.04 -25.50 7.41
C SER A 278 8.31 -26.44 8.38
N ASP A 279 8.77 -26.47 9.63
CA ASP A 279 8.08 -27.19 10.71
C ASP A 279 7.47 -26.23 11.73
N LEU A 280 7.75 -24.94 11.57
CA LEU A 280 7.18 -23.89 12.39
C LEU A 280 7.02 -22.60 11.59
N LEU A 281 5.77 -22.20 11.35
CA LEU A 281 5.48 -20.99 10.60
C LEU A 281 5.08 -19.85 11.53
N LEU A 282 5.88 -18.79 11.51
CA LEU A 282 5.61 -17.62 12.33
C LEU A 282 4.96 -16.53 11.48
N ALA A 283 3.64 -16.58 11.42
CA ALA A 283 2.85 -15.66 10.60
C ALA A 283 2.51 -14.39 11.38
N PHE A 284 3.29 -13.33 11.17
CA PHE A 284 3.12 -12.08 11.91
C PHE A 284 2.59 -10.97 11.02
N GLY A 285 1.37 -10.51 11.31
CA GLY A 285 0.77 -9.40 10.58
C GLY A 285 0.49 -9.76 9.13
N VAL A 286 0.00 -10.97 8.91
CA VAL A 286 -0.36 -11.46 7.59
C VAL A 286 -1.80 -11.96 7.58
N ARG A 287 -2.38 -12.11 6.39
CA ARG A 287 -3.77 -12.56 6.30
C ARG A 287 -3.97 -13.78 5.42
N PHE A 288 -2.92 -14.57 5.23
CA PHE A 288 -3.00 -15.82 4.49
C PHE A 288 -3.86 -15.69 3.24
N ASP A 289 -3.58 -14.71 2.38
CA ASP A 289 -4.40 -14.49 1.21
C ASP A 289 -3.99 -15.45 0.09
N ASP A 290 -4.89 -15.66 -0.88
CA ASP A 290 -4.71 -16.69 -1.91
C ASP A 290 -3.44 -16.51 -2.76
N ARG A 291 -3.01 -15.26 -2.93
CA ARG A 291 -1.80 -14.95 -3.67
C ARG A 291 -0.54 -15.58 -3.07
N VAL A 292 -0.52 -15.76 -1.75
CA VAL A 292 0.64 -16.38 -1.12
C VAL A 292 0.48 -17.87 -0.80
N THR A 293 -0.74 -18.30 -0.50
CA THR A 293 -0.95 -19.68 -0.10
C THR A 293 -1.05 -20.69 -1.25
N GLY A 294 -1.71 -20.29 -2.35
CA GLY A 294 -2.10 -21.24 -3.38
C GLY A 294 -3.17 -22.13 -2.79
N LYS A 295 -3.07 -23.45 -3.06
CA LYS A 295 -4.00 -24.42 -2.48
C LYS A 295 -3.73 -24.51 -0.99
N LEU A 296 -4.74 -24.17 -0.18
CA LEU A 296 -4.59 -24.03 1.27
C LEU A 296 -4.10 -25.29 2.00
N GLU A 297 -4.63 -26.44 1.61
N GLU A 297 -4.64 -26.45 1.64
CA GLU A 297 -4.33 -27.72 2.24
CA GLU A 297 -4.29 -27.70 2.33
C GLU A 297 -2.86 -28.11 2.05
C GLU A 297 -2.85 -28.16 2.03
N ALA A 298 -2.25 -27.59 0.98
CA ALA A 298 -0.86 -27.90 0.63
C ALA A 298 0.11 -26.83 1.11
N PHE A 299 -0.42 -25.72 1.64
CA PHE A 299 0.39 -24.62 2.14
C PHE A 299 0.91 -24.91 3.54
N ALA A 300 2.24 -24.81 3.71
CA ALA A 300 2.91 -25.06 5.00
C ALA A 300 2.37 -26.31 5.70
N SER A 301 2.22 -27.40 4.94
CA SER A 301 1.46 -28.58 5.40
C SER A 301 2.17 -29.39 6.47
N ARG A 302 3.45 -29.13 6.69
CA ARG A 302 4.23 -29.86 7.68
C ARG A 302 4.60 -28.99 8.89
N ALA A 303 3.93 -27.85 9.04
CA ALA A 303 4.35 -26.84 10.01
C ALA A 303 3.36 -26.57 11.15
N LYS A 304 3.91 -26.36 12.34
CA LYS A 304 3.21 -25.74 13.45
C LYS A 304 3.06 -24.24 13.15
N ILE A 305 1.83 -23.77 13.06
CA ILE A 305 1.57 -22.40 12.63
C ILE A 305 1.27 -21.47 13.82
N VAL A 306 2.08 -20.43 13.96
CA VAL A 306 1.81 -19.40 14.96
C VAL A 306 1.34 -18.17 14.21
N HIS A 307 0.15 -17.70 14.55
CA HIS A 307 -0.44 -16.57 13.87
C HIS A 307 -0.74 -15.45 14.87
N ILE A 308 -0.10 -14.29 14.67
CA ILE A 308 -0.32 -13.10 15.49
C ILE A 308 -0.99 -12.01 14.65
N ASP A 309 -2.22 -11.67 14.99
CA ASP A 309 -2.98 -10.66 14.25
C ASP A 309 -3.81 -9.78 15.19
N ILE A 310 -3.98 -8.52 14.79
CA ILE A 310 -4.74 -7.55 15.59
C ILE A 310 -6.25 -7.67 15.34
N ASP A 311 -6.62 -8.41 14.30
CA ASP A 311 -8.01 -8.62 13.94
C ASP A 311 -8.38 -10.09 14.16
N SER A 312 -9.24 -10.35 15.15
CA SER A 312 -9.61 -11.73 15.49
C SER A 312 -10.32 -12.45 14.34
N ALA A 313 -11.00 -11.67 13.49
CA ALA A 313 -11.72 -12.21 12.34
C ALA A 313 -10.76 -12.88 11.35
N GLU A 314 -9.48 -12.53 11.43
CA GLU A 314 -8.45 -13.09 10.56
C GLU A 314 -7.83 -14.38 11.09
N ILE A 315 -7.86 -14.57 12.41
CA ILE A 315 -7.22 -15.73 13.03
C ILE A 315 -8.07 -16.98 12.81
N GLY A 316 -7.57 -17.86 11.94
CA GLY A 316 -8.26 -19.10 11.61
C GLY A 316 -9.27 -18.94 10.50
N LYS A 317 -9.18 -17.86 9.73
CA LYS A 317 -10.06 -17.61 8.58
C LYS A 317 -9.80 -18.56 7.42
N ASN A 318 -8.54 -18.64 6.98
CA ASN A 318 -8.16 -19.48 5.84
C ASN A 318 -7.40 -20.75 6.22
N LYS A 319 -6.31 -20.59 6.98
CA LYS A 319 -5.66 -21.72 7.65
C LYS A 319 -5.91 -21.56 9.14
N THR A 320 -6.20 -22.66 9.82
CA THR A 320 -6.33 -22.60 11.26
C THR A 320 -4.97 -22.82 11.91
N PRO A 321 -4.53 -21.91 12.80
CA PRO A 321 -3.21 -22.03 13.40
C PRO A 321 -3.22 -23.04 14.53
N HIS A 322 -2.03 -23.42 14.97
CA HIS A 322 -1.88 -24.23 16.17
C HIS A 322 -1.94 -23.29 17.37
N VAL A 323 -1.34 -22.12 17.21
CA VAL A 323 -1.21 -21.12 18.27
C VAL A 323 -1.60 -19.74 17.74
N SER A 324 -2.36 -19.00 18.55
CA SER A 324 -2.81 -17.67 18.17
C SER A 324 -2.45 -16.65 19.23
N VAL A 325 -2.18 -15.43 18.78
CA VAL A 325 -2.13 -14.28 19.66
C VAL A 325 -2.94 -13.19 18.97
N CYS A 326 -4.01 -12.75 19.63
CA CYS A 326 -4.76 -11.61 19.11
C CYS A 326 -4.23 -10.35 19.77
N GLY A 327 -3.54 -9.54 19.00
CA GLY A 327 -2.97 -8.30 19.51
C GLY A 327 -2.00 -7.61 18.57
N ASP A 328 -1.34 -6.58 19.09
CA ASP A 328 -0.36 -5.83 18.35
C ASP A 328 0.94 -6.64 18.27
N VAL A 329 1.40 -6.88 17.05
CA VAL A 329 2.61 -7.64 16.80
C VAL A 329 3.84 -6.94 17.38
N LYS A 330 3.81 -5.61 17.39
CA LYS A 330 4.87 -4.80 18.01
C LYS A 330 5.07 -5.19 19.48
N LEU A 331 3.96 -5.35 20.21
CA LEU A 331 4.03 -5.72 21.62
C LEU A 331 4.41 -7.17 21.82
N ALA A 332 3.93 -8.03 20.92
CA ALA A 332 4.25 -9.46 20.99
C ALA A 332 5.74 -9.69 20.77
N LEU A 333 6.31 -8.96 19.82
CA LEU A 333 7.75 -9.01 19.58
C LEU A 333 8.55 -8.46 20.77
N GLN A 334 8.10 -7.33 21.33
CA GLN A 334 8.75 -6.73 22.49
C GLN A 334 8.81 -7.70 23.64
N GLY A 335 7.69 -8.38 23.89
CA GLY A 335 7.59 -9.37 24.95
C GLY A 335 8.47 -10.58 24.69
N MET A 336 8.45 -11.07 23.45
CA MET A 336 9.24 -12.23 23.08
C MET A 336 10.74 -11.93 23.11
N ASN A 337 11.10 -10.70 22.75
CA ASN A 337 12.50 -10.29 22.74
C ASN A 337 13.17 -10.32 24.11
N LYS A 338 12.46 -9.85 25.15
CA LYS A 338 13.04 -9.87 26.49
C LYS A 338 13.03 -11.26 27.13
N VAL A 339 12.13 -12.13 26.68
CA VAL A 339 12.18 -13.54 27.04
C VAL A 339 13.39 -14.21 26.36
N LEU A 340 13.65 -13.82 25.12
CA LEU A 340 14.79 -14.36 24.36
C LEU A 340 16.15 -13.86 24.85
N GLU A 341 16.18 -12.64 25.41
CA GLU A 341 17.39 -12.10 26.03
C GLU A 341 17.72 -12.84 27.33
N ASN A 342 16.70 -13.06 28.15
CA ASN A 342 16.85 -13.69 29.46
C ASN A 342 17.31 -15.15 29.42
N ARG A 343 16.98 -15.85 28.33
CA ARG A 343 17.25 -17.29 28.24
C ARG A 343 18.17 -17.68 27.09
N ALA A 344 18.85 -16.69 26.51
CA ALA A 344 19.71 -16.89 25.32
C ALA A 344 20.65 -18.10 25.43
N GLU A 345 21.29 -18.26 26.59
CA GLU A 345 22.23 -19.35 26.83
C GLU A 345 21.56 -20.62 27.33
N GLU A 346 20.33 -20.49 27.84
CA GLU A 346 19.52 -21.64 28.22
C GLU A 346 18.92 -22.30 26.97
N LEU A 347 18.68 -21.50 25.93
CA LEU A 347 18.02 -21.96 24.70
C LEU A 347 18.98 -22.44 23.61
N LYS A 348 20.18 -21.86 23.56
CA LYS A 348 21.22 -22.20 22.57
C LYS A 348 20.64 -22.39 21.16
N LEU A 349 19.93 -21.36 20.68
CA LEU A 349 19.25 -21.45 19.39
C LEU A 349 20.25 -21.41 18.23
N ASP A 350 20.20 -22.42 17.38
CA ASP A 350 21.07 -22.50 16.20
C ASP A 350 20.36 -23.18 15.04
N PHE A 351 19.93 -22.37 14.07
CA PHE A 351 19.24 -22.88 12.88
C PHE A 351 20.13 -22.89 11.64
N GLY A 352 21.45 -23.01 11.87
CA GLY A 352 22.44 -22.98 10.80
C GLY A 352 22.26 -24.02 9.70
N VAL A 353 21.83 -25.22 10.08
CA VAL A 353 21.64 -26.33 9.15
C VAL A 353 20.46 -26.08 8.20
N TRP A 354 19.36 -25.58 8.77
CA TRP A 354 18.20 -25.17 7.99
C TRP A 354 18.55 -23.95 7.16
N ARG A 355 19.11 -22.93 7.80
CA ARG A 355 19.50 -21.69 7.15
C ARG A 355 20.44 -21.97 5.98
N ASN A 356 21.26 -23.02 6.12
CA ASN A 356 22.18 -23.43 5.08
C ASN A 356 21.45 -24.14 3.93
N GLU A 357 20.49 -24.98 4.28
CA GLU A 357 19.68 -25.71 3.31
C GLU A 357 18.94 -24.74 2.40
N LEU A 358 18.48 -23.63 2.98
CA LEU A 358 17.81 -22.59 2.22
C LEU A 358 18.78 -21.82 1.34
N ASN A 359 20.01 -21.66 1.82
CA ASN A 359 21.05 -20.94 1.07
C ASN A 359 21.45 -21.63 -0.23
N VAL A 360 21.41 -22.96 -0.26
CA VAL A 360 21.66 -23.69 -1.51
C VAL A 360 20.47 -23.54 -2.48
N GLN A 361 19.26 -23.45 -1.94
CA GLN A 361 18.09 -23.14 -2.77
C GLN A 361 18.18 -21.71 -3.32
N LYS A 362 18.75 -20.81 -2.53
CA LYS A 362 18.95 -19.42 -2.92
C LYS A 362 20.02 -19.27 -4.02
N GLN A 363 20.90 -20.26 -4.12
CA GLN A 363 21.93 -20.26 -5.16
C GLN A 363 21.47 -20.98 -6.43
N LYS A 364 20.73 -22.06 -6.24
CA LYS A 364 20.25 -22.86 -7.37
C LYS A 364 19.04 -22.24 -8.08
N PHE A 365 18.30 -21.39 -7.37
CA PHE A 365 17.12 -20.74 -7.95
C PHE A 365 17.02 -19.26 -7.57
N PRO A 366 18.02 -18.45 -7.97
CA PRO A 366 17.94 -17.04 -7.61
C PRO A 366 17.03 -16.29 -8.58
N LEU A 367 16.66 -15.06 -8.21
CA LEU A 367 15.93 -14.19 -9.13
C LEU A 367 16.78 -13.91 -10.34
N SER A 368 16.21 -14.11 -11.54
CA SER A 368 16.99 -13.99 -12.75
C SER A 368 16.23 -13.39 -13.93
N PHE A 369 16.98 -12.78 -14.85
CA PHE A 369 16.41 -12.16 -16.04
C PHE A 369 17.37 -12.27 -17.22
N LYS A 370 16.81 -12.40 -18.41
CA LYS A 370 17.58 -12.41 -19.65
C LYS A 370 17.76 -10.99 -20.16
N THR A 371 18.87 -10.77 -20.88
CA THR A 371 19.17 -9.49 -21.52
C THR A 371 19.35 -9.75 -23.02
N PHE A 372 18.58 -9.05 -23.85
CA PHE A 372 18.59 -9.27 -25.30
C PHE A 372 19.21 -8.11 -26.05
N GLY A 373 20.38 -8.34 -26.64
CA GLY A 373 21.10 -7.31 -27.38
C GLY A 373 21.20 -6.04 -26.57
N GLU A 374 20.84 -4.91 -27.19
CA GLU A 374 20.90 -3.62 -26.51
C GLU A 374 19.58 -3.19 -25.86
N ALA A 375 18.59 -4.07 -25.92
CA ALA A 375 17.27 -3.78 -25.36
C ALA A 375 17.25 -3.78 -23.83
N ILE A 376 16.50 -2.85 -23.24
CA ILE A 376 16.45 -2.69 -21.79
C ILE A 376 15.60 -3.77 -21.10
N PRO A 377 16.21 -4.54 -20.18
CA PRO A 377 15.39 -5.37 -19.30
C PRO A 377 14.79 -4.52 -18.15
N PRO A 378 13.45 -4.54 -18.01
CA PRO A 378 12.79 -3.79 -16.93
C PRO A 378 13.42 -4.09 -15.57
N GLN A 379 13.63 -5.37 -15.28
CA GLN A 379 14.29 -5.78 -14.05
C GLN A 379 15.61 -5.02 -13.81
N TYR A 380 16.42 -4.90 -14.86
CA TYR A 380 17.73 -4.23 -14.75
C TYR A 380 17.60 -2.72 -14.48
N ALA A 381 16.59 -2.09 -15.09
CA ALA A 381 16.34 -0.67 -14.87
C ALA A 381 16.07 -0.40 -13.40
N ILE A 382 15.19 -1.21 -12.81
CA ILE A 382 14.86 -1.11 -11.40
C ILE A 382 16.10 -1.33 -10.54
N LYS A 383 16.93 -2.28 -10.94
CA LYS A 383 18.15 -2.59 -10.21
C LYS A 383 19.10 -1.39 -10.21
N VAL A 384 19.15 -0.68 -11.34
CA VAL A 384 19.97 0.53 -11.47
C VAL A 384 19.41 1.66 -10.60
N LEU A 385 18.08 1.81 -10.59
CA LEU A 385 17.43 2.77 -9.71
C LEU A 385 17.80 2.50 -8.26
N ASP A 386 17.75 1.23 -7.88
CA ASP A 386 18.16 0.78 -6.54
C ASP A 386 19.58 1.24 -6.22
N GLU A 387 20.52 0.94 -7.11
CA GLU A 387 21.91 1.32 -6.89
C GLU A 387 22.08 2.84 -6.81
N LEU A 388 21.45 3.56 -7.73
CA LEU A 388 21.64 5.01 -7.82
C LEU A 388 20.95 5.80 -6.72
N THR A 389 19.91 5.22 -6.12
CA THR A 389 19.22 5.86 -5.00
C THR A 389 19.70 5.32 -3.65
N ASP A 390 20.62 4.35 -3.71
CA ASP A 390 21.19 3.72 -2.52
C ASP A 390 20.11 2.99 -1.70
N GLY A 391 19.02 2.58 -2.36
CA GLY A 391 17.92 1.86 -1.73
C GLY A 391 17.12 2.69 -0.76
N LYS A 392 17.23 4.01 -0.86
CA LYS A 392 16.60 4.93 0.09
C LYS A 392 15.32 5.59 -0.45
N ALA A 393 14.94 5.25 -1.68
CA ALA A 393 13.83 5.93 -2.33
C ALA A 393 12.48 5.42 -1.85
N ILE A 394 11.47 6.27 -1.92
CA ILE A 394 10.11 5.84 -1.74
C ILE A 394 9.58 5.45 -3.11
N ILE A 395 9.10 4.23 -3.23
CA ILE A 395 8.62 3.69 -4.49
C ILE A 395 7.12 3.44 -4.46
N SER A 396 6.40 4.11 -5.36
CA SER A 396 5.03 3.72 -5.65
C SER A 396 4.99 3.02 -7.01
N THR A 397 3.99 2.19 -7.22
CA THR A 397 3.86 1.49 -8.49
C THR A 397 2.42 1.44 -8.97
N GLY A 398 2.26 1.12 -10.24
CA GLY A 398 0.94 0.72 -10.74
C GLY A 398 0.76 -0.77 -10.47
N VAL A 399 -0.06 -1.42 -11.29
CA VAL A 399 -0.35 -2.83 -11.10
C VAL A 399 0.01 -3.60 -12.36
N GLY A 400 0.71 -4.72 -12.18
CA GLY A 400 1.03 -5.60 -13.27
C GLY A 400 2.45 -6.12 -13.15
N GLN A 401 3.04 -6.39 -14.30
CA GLN A 401 4.38 -6.94 -14.35
C GLN A 401 5.39 -6.03 -13.70
N HIS A 402 5.30 -4.74 -14.02
CA HIS A 402 6.26 -3.76 -13.51
C HIS A 402 6.20 -3.71 -11.99
N GLN A 403 5.00 -3.94 -11.45
CA GLN A 403 4.79 -3.90 -10.01
C GLN A 403 5.52 -5.06 -9.34
N MET A 404 5.44 -6.23 -9.96
CA MET A 404 6.16 -7.39 -9.45
C MET A 404 7.67 -7.18 -9.53
N TRP A 405 8.13 -6.59 -10.62
CA TRP A 405 9.56 -6.35 -10.77
C TRP A 405 10.08 -5.32 -9.78
N ALA A 406 9.29 -4.27 -9.54
CA ALA A 406 9.64 -3.28 -8.54
C ALA A 406 9.75 -3.91 -7.15
N ALA A 407 8.90 -4.91 -6.90
CA ALA A 407 8.94 -5.66 -5.65
C ALA A 407 10.16 -6.57 -5.58
N GLN A 408 10.49 -7.22 -6.70
CA GLN A 408 11.55 -8.21 -6.74
C GLN A 408 12.96 -7.60 -6.79
N PHE A 409 13.11 -6.48 -7.49
CA PHE A 409 14.43 -5.96 -7.84
C PHE A 409 14.91 -4.67 -7.16
N TYR A 410 14.10 -4.15 -6.25
CA TYR A 410 14.52 -3.04 -5.41
C TYR A 410 14.64 -3.56 -3.97
N ASN A 411 15.73 -3.20 -3.30
CA ASN A 411 15.96 -3.62 -1.93
C ASN A 411 15.52 -2.61 -0.89
N TYR A 412 14.26 -2.70 -0.48
CA TYR A 412 13.70 -1.81 0.54
C TYR A 412 14.35 -2.03 1.90
N LYS A 413 14.80 -0.94 2.51
CA LYS A 413 15.53 -1.00 3.77
C LYS A 413 14.63 -0.72 4.97
N LYS A 414 13.56 0.03 4.74
CA LYS A 414 12.57 0.34 5.77
C LYS A 414 11.17 0.11 5.21
N PRO A 415 10.22 -0.24 6.09
CA PRO A 415 8.84 -0.30 5.58
C PRO A 415 8.36 1.14 5.33
N ARG A 416 7.36 1.30 4.46
CA ARG A 416 6.86 2.64 4.08
C ARG A 416 7.74 3.32 3.03
N GLN A 417 8.62 2.53 2.40
CA GLN A 417 9.27 2.91 1.15
C GLN A 417 8.49 2.30 0.00
N TRP A 418 7.72 1.27 0.31
CA TRP A 418 7.00 0.49 -0.69
C TRP A 418 5.52 0.85 -0.64
N LEU A 419 5.04 1.52 -1.69
CA LEU A 419 3.64 1.94 -1.77
C LEU A 419 3.01 1.29 -2.99
N SER A 420 2.13 0.32 -2.76
CA SER A 420 1.60 -0.48 -3.85
C SER A 420 0.25 -1.05 -3.47
N SER A 421 -0.69 -1.05 -4.43
CA SER A 421 -2.02 -1.57 -4.21
C SER A 421 -1.98 -3.11 -4.28
N GLY A 422 -2.13 -3.76 -3.13
CA GLY A 422 -1.91 -5.21 -3.03
C GLY A 422 -3.16 -6.06 -3.10
N GLY A 423 -4.15 -5.73 -2.28
CA GLY A 423 -5.38 -6.51 -2.19
C GLY A 423 -6.34 -6.30 -3.35
N LEU A 424 -6.69 -5.05 -3.63
CA LEU A 424 -7.55 -4.73 -4.76
C LEU A 424 -6.76 -4.74 -6.07
N GLY A 425 -5.50 -4.30 -6.00
CA GLY A 425 -4.64 -4.21 -7.19
C GLY A 425 -5.17 -3.22 -8.20
N ALA A 426 -5.31 -1.97 -7.78
CA ALA A 426 -5.91 -0.93 -8.60
C ALA A 426 -4.90 -0.21 -9.47
N MET A 427 -5.09 -0.26 -10.79
CA MET A 427 -4.27 0.50 -11.71
C MET A 427 -4.46 2.01 -11.54
N GLY A 428 -3.47 2.78 -11.97
CA GLY A 428 -3.53 4.24 -11.86
C GLY A 428 -3.24 4.71 -10.45
N PHE A 429 -2.67 3.83 -9.65
CA PHE A 429 -2.34 4.12 -8.25
C PHE A 429 -1.01 4.85 -8.04
N GLY A 430 0.03 4.42 -8.76
CA GLY A 430 1.40 4.90 -8.53
C GLY A 430 1.65 6.40 -8.58
N LEU A 431 1.11 7.06 -9.60
CA LEU A 431 1.35 8.48 -9.75
C LEU A 431 0.73 9.31 -8.62
N PRO A 432 -0.59 9.20 -8.41
CA PRO A 432 -1.14 9.95 -7.26
C PRO A 432 -0.60 9.47 -5.91
N ALA A 433 -0.24 8.19 -5.79
CA ALA A 433 0.35 7.73 -4.53
C ALA A 433 1.68 8.43 -4.28
N ALA A 434 2.49 8.55 -5.33
CA ALA A 434 3.75 9.29 -5.27
C ALA A 434 3.53 10.74 -4.82
N ILE A 435 2.44 11.36 -5.29
CA ILE A 435 2.08 12.72 -4.92
C ILE A 435 1.95 12.86 -3.41
N GLY A 436 1.10 12.01 -2.82
CA GLY A 436 0.88 11.98 -1.37
C GLY A 436 2.16 11.71 -0.61
N ALA A 437 2.93 10.74 -1.11
CA ALA A 437 4.21 10.37 -0.51
C ALA A 437 5.18 11.55 -0.47
N SER A 438 5.19 12.33 -1.55
CA SER A 438 6.08 13.47 -1.66
C SER A 438 5.70 14.60 -0.71
N VAL A 439 4.41 14.81 -0.52
CA VAL A 439 3.92 15.83 0.40
C VAL A 439 4.21 15.42 1.85
N ALA A 440 4.02 14.14 2.15
CA ALA A 440 4.32 13.62 3.48
C ALA A 440 5.83 13.54 3.75
N ASN A 441 6.62 13.43 2.69
CA ASN A 441 8.06 13.28 2.82
C ASN A 441 8.81 14.25 1.88
N PRO A 442 8.73 15.56 2.18
CA PRO A 442 9.24 16.56 1.23
C PRO A 442 10.75 16.48 0.92
N ASP A 443 11.51 15.75 1.72
CA ASP A 443 12.97 15.63 1.51
C ASP A 443 13.42 14.29 0.95
N ALA A 444 12.47 13.44 0.58
CA ALA A 444 12.78 12.09 0.14
C ALA A 444 12.80 11.98 -1.37
N ILE A 445 13.60 11.04 -1.89
CA ILE A 445 13.51 10.69 -3.30
C ILE A 445 12.25 9.86 -3.47
N VAL A 446 11.34 10.35 -4.32
CA VAL A 446 10.07 9.68 -4.56
C VAL A 446 9.99 9.25 -6.03
N VAL A 447 9.92 7.95 -6.26
CA VAL A 447 9.85 7.44 -7.63
C VAL A 447 8.60 6.61 -7.84
N ASP A 448 7.81 6.98 -8.84
CA ASP A 448 6.70 6.16 -9.30
C ASP A 448 7.23 5.25 -10.40
N ILE A 449 7.43 3.98 -10.07
CA ILE A 449 7.77 2.96 -11.07
C ILE A 449 6.44 2.49 -11.65
N ASP A 450 6.16 2.89 -12.88
CA ASP A 450 4.83 2.74 -13.45
C ASP A 450 4.83 1.98 -14.78
N GLY A 451 3.67 1.42 -15.13
CA GLY A 451 3.47 0.80 -16.44
C GLY A 451 2.64 1.73 -17.30
N ASP A 452 2.69 1.55 -18.61
CA ASP A 452 2.07 2.51 -19.54
C ASP A 452 0.55 2.47 -19.50
N GLY A 453 -0.01 1.31 -19.18
CA GLY A 453 -1.46 1.17 -18.99
C GLY A 453 -1.91 1.87 -17.72
N SER A 454 -1.20 1.63 -16.62
CA SER A 454 -1.49 2.24 -15.33
C SER A 454 -1.27 3.74 -15.33
N PHE A 455 -0.12 4.16 -15.83
CA PHE A 455 0.26 5.57 -15.82
C PHE A 455 -0.79 6.45 -16.48
N ILE A 456 -1.28 6.05 -17.65
CA ILE A 456 -2.22 6.88 -18.40
C ILE A 456 -3.56 7.05 -17.69
N MET A 457 -3.93 6.10 -16.84
CA MET A 457 -5.23 6.12 -16.18
C MET A 457 -5.47 7.36 -15.32
N ASN A 458 -4.41 7.80 -14.65
CA ASN A 458 -4.47 9.03 -13.87
C ASN A 458 -3.38 10.00 -14.29
N VAL A 459 -3.18 10.11 -15.61
CA VAL A 459 -2.15 10.97 -16.19
C VAL A 459 -2.42 12.44 -15.86
N GLN A 460 -3.70 12.79 -15.67
CA GLN A 460 -4.06 14.16 -15.31
C GLN A 460 -3.37 14.65 -14.03
N GLU A 461 -2.90 13.74 -13.19
CA GLU A 461 -2.25 14.15 -11.96
C GLU A 461 -0.84 14.76 -12.18
N LEU A 462 -0.37 14.71 -13.42
CA LEU A 462 0.86 15.40 -13.80
C LEU A 462 0.70 16.91 -13.63
N ALA A 463 -0.49 17.42 -13.92
CA ALA A 463 -0.82 18.81 -13.64
C ALA A 463 -0.61 19.13 -12.16
N THR A 464 -1.07 18.23 -11.28
CA THR A 464 -0.94 18.39 -9.83
C THR A 464 0.52 18.45 -9.42
N ILE A 465 1.31 17.48 -9.86
CA ILE A 465 2.74 17.45 -9.59
C ILE A 465 3.41 18.78 -9.92
N ARG A 466 3.15 19.32 -11.11
CA ARG A 466 3.78 20.58 -11.51
C ARG A 466 3.36 21.75 -10.62
N VAL A 467 2.05 21.95 -10.50
CA VAL A 467 1.51 23.08 -9.76
C VAL A 467 1.92 23.07 -8.28
N GLU A 468 1.97 21.87 -7.69
CA GLU A 468 2.37 21.71 -6.30
C GLU A 468 3.88 21.67 -6.13
N ASN A 469 4.60 21.81 -7.25
CA ASN A 469 6.06 21.79 -7.29
C ASN A 469 6.69 20.64 -6.49
N LEU A 470 6.20 19.43 -6.75
CA LEU A 470 6.64 18.21 -6.07
C LEU A 470 7.69 17.45 -6.90
N PRO A 471 8.79 17.05 -6.25
CA PRO A 471 9.88 16.40 -6.99
C PRO A 471 9.62 14.91 -7.31
N VAL A 472 8.46 14.62 -7.88
CA VAL A 472 8.08 13.24 -8.19
C VAL A 472 8.82 12.75 -9.44
N LYS A 473 9.55 11.66 -9.29
CA LYS A 473 10.22 11.03 -10.42
C LYS A 473 9.36 9.89 -10.97
N VAL A 474 9.22 9.80 -12.29
CA VAL A 474 8.42 8.73 -12.87
C VAL A 474 9.32 7.82 -13.71
N LEU A 475 9.55 6.60 -13.23
CA LEU A 475 10.27 5.59 -14.02
C LEU A 475 9.23 4.76 -14.74
N LEU A 476 8.93 5.15 -15.98
CA LEU A 476 7.88 4.50 -16.72
C LEU A 476 8.45 3.34 -17.53
N LEU A 477 8.11 2.12 -17.11
CA LEU A 477 8.51 0.91 -17.85
C LEU A 477 7.46 0.65 -18.92
N ASN A 478 7.82 0.96 -20.16
CA ASN A 478 6.87 1.04 -21.25
C ASN A 478 6.99 -0.15 -22.20
N ASN A 479 6.06 -1.09 -22.08
CA ASN A 479 6.04 -2.27 -22.94
C ASN A 479 4.88 -2.31 -23.96
N GLN A 480 4.15 -1.21 -24.06
CA GLN A 480 3.08 -1.05 -25.05
C GLN A 480 1.89 -2.01 -24.86
N HIS A 481 1.93 -2.79 -23.79
CA HIS A 481 0.87 -3.76 -23.52
C HIS A 481 0.38 -3.68 -22.08
N LEU A 482 -0.79 -4.27 -21.85
CA LEU A 482 -1.21 -4.65 -20.50
C LEU A 482 -0.47 -5.93 -20.17
N GLY A 483 0.75 -5.78 -19.69
CA GLY A 483 1.72 -6.87 -19.55
C GLY A 483 1.27 -8.09 -18.77
N MET A 484 0.68 -7.88 -17.61
CA MET A 484 0.23 -8.97 -16.75
C MET A 484 -0.82 -9.84 -17.45
N VAL A 485 -1.81 -9.19 -18.05
CA VAL A 485 -2.87 -9.88 -18.79
C VAL A 485 -2.27 -10.57 -20.01
N MET A 486 -1.34 -9.89 -20.68
CA MET A 486 -0.61 -10.44 -21.81
C MET A 486 0.14 -11.73 -21.43
N GLN A 487 0.74 -11.75 -20.24
CA GLN A 487 1.47 -12.92 -19.76
C GLN A 487 0.56 -14.14 -19.60
N TRP A 488 -0.60 -13.92 -19.00
CA TRP A 488 -1.59 -14.97 -18.84
C TRP A 488 -2.16 -15.44 -20.19
N GLU A 489 -2.20 -14.54 -21.16
CA GLU A 489 -2.59 -14.89 -22.53
C GLU A 489 -1.56 -15.84 -23.15
N ASP A 490 -0.29 -15.62 -22.85
CA ASP A 490 0.80 -16.46 -23.34
C ASP A 490 0.80 -17.84 -22.71
N ARG A 491 0.57 -17.90 -21.39
CA ARG A 491 0.63 -19.16 -20.66
C ARG A 491 -0.62 -20.03 -20.83
N PHE A 492 -1.79 -19.38 -20.89
CA PHE A 492 -3.06 -20.12 -20.79
C PHE A 492 -4.02 -20.01 -21.99
N TYR A 493 -3.73 -19.11 -22.93
CA TYR A 493 -4.63 -18.90 -24.08
C TYR A 493 -3.89 -18.86 -25.44
N LYS A 494 -2.74 -19.54 -25.50
CA LYS A 494 -1.96 -19.70 -26.73
C LYS A 494 -1.59 -18.39 -27.40
N ALA A 495 -1.24 -17.40 -26.57
CA ALA A 495 -0.85 -16.05 -27.03
C ALA A 495 -1.93 -15.28 -27.81
N ASN A 496 -3.19 -15.67 -27.63
CA ASN A 496 -4.32 -15.01 -28.30
C ASN A 496 -4.64 -13.65 -27.66
N ARG A 497 -4.28 -12.59 -28.37
CA ARG A 497 -4.42 -11.22 -27.88
C ARG A 497 -5.88 -10.77 -27.82
N ALA A 498 -6.37 -10.56 -26.61
CA ALA A 498 -7.72 -10.02 -26.42
C ALA A 498 -7.66 -8.62 -25.80
N HIS A 499 -7.35 -7.64 -26.65
CA HIS A 499 -7.37 -6.20 -26.30
C HIS A 499 -6.31 -5.81 -25.26
N THR A 500 -5.14 -6.42 -25.34
CA THR A 500 -4.06 -6.12 -24.39
C THR A 500 -2.97 -5.18 -24.93
N PHE A 501 -3.01 -4.89 -26.23
CA PHE A 501 -2.06 -3.99 -26.87
C PHE A 501 -2.51 -2.54 -26.73
N LEU A 502 -1.64 -1.70 -26.18
CA LEU A 502 -2.00 -0.31 -25.87
C LEU A 502 -1.51 0.72 -26.89
N GLY A 503 -0.79 0.27 -27.91
CA GLY A 503 -0.31 1.17 -28.95
C GLY A 503 -1.33 1.38 -30.06
N ASP A 504 -0.85 1.90 -31.20
CA ASP A 504 -1.69 2.16 -32.36
C ASP A 504 -1.43 1.12 -33.45
N PRO A 505 -2.42 0.25 -33.73
CA PRO A 505 -2.27 -0.80 -34.75
C PRO A 505 -1.93 -0.27 -36.14
N ALA A 506 -2.38 0.95 -36.45
CA ALA A 506 -2.06 1.62 -37.71
C ALA A 506 -0.56 1.91 -37.89
N GLN A 507 0.11 2.30 -36.81
CA GLN A 507 1.53 2.63 -36.83
C GLN A 507 2.29 1.80 -35.80
N GLU A 508 2.17 0.48 -35.90
CA GLU A 508 2.47 -0.49 -34.81
C GLU A 508 3.91 -0.51 -34.23
N ASP A 509 4.85 0.16 -34.89
CA ASP A 509 6.23 0.21 -34.42
C ASP A 509 6.59 1.50 -33.72
N GLU A 510 5.77 2.53 -33.90
CA GLU A 510 5.90 3.77 -33.16
C GLU A 510 5.40 3.57 -31.72
N ILE A 511 6.14 4.12 -30.75
CA ILE A 511 5.72 4.11 -29.35
C ILE A 511 4.51 5.03 -29.17
N PHE A 512 3.38 4.44 -28.82
CA PHE A 512 2.13 5.19 -28.65
C PHE A 512 1.47 4.90 -27.30
N PRO A 513 0.98 5.94 -26.62
CA PRO A 513 1.16 7.35 -26.95
C PRO A 513 2.56 7.83 -26.63
N ASN A 514 2.83 9.07 -26.98
CA ASN A 514 4.08 9.69 -26.63
C ASN A 514 3.97 10.31 -25.24
N MET A 515 4.45 9.58 -24.24
CA MET A 515 4.35 10.00 -22.85
C MET A 515 5.15 11.28 -22.56
N LEU A 516 6.15 11.55 -23.37
CA LEU A 516 7.00 12.74 -23.18
C LEU A 516 6.17 13.99 -23.38
N LEU A 517 5.23 13.92 -24.32
CA LEU A 517 4.35 15.04 -24.60
C LEU A 517 3.29 15.27 -23.52
N PHE A 518 2.89 14.22 -22.81
CA PHE A 518 2.05 14.36 -21.61
C PHE A 518 2.77 15.17 -20.55
N ALA A 519 4.04 14.83 -20.33
CA ALA A 519 4.88 15.56 -19.41
C ALA A 519 5.12 17.00 -19.87
N ALA A 520 5.34 17.18 -21.16
CA ALA A 520 5.58 18.51 -21.73
C ALA A 520 4.36 19.40 -21.53
N ALA A 521 3.17 18.84 -21.76
CA ALA A 521 1.91 19.54 -21.54
C ALA A 521 1.81 20.15 -20.15
N CYS A 522 2.39 19.47 -19.17
CA CYS A 522 2.34 19.92 -17.79
C CYS A 522 3.70 20.46 -17.34
N GLY A 523 4.53 20.87 -18.30
CA GLY A 523 5.82 21.51 -18.02
C GLY A 523 6.77 20.69 -17.18
N ILE A 524 6.78 19.38 -17.43
CA ILE A 524 7.63 18.46 -16.70
C ILE A 524 8.70 17.93 -17.67
N PRO A 525 9.98 18.20 -17.36
CA PRO A 525 11.12 17.71 -18.14
C PRO A 525 11.06 16.19 -18.29
N ALA A 526 11.40 15.70 -19.48
CA ALA A 526 11.21 14.30 -19.80
C ALA A 526 12.15 13.82 -20.90
N ALA A 527 12.58 12.57 -20.77
CA ALA A 527 13.40 11.94 -21.80
C ALA A 527 12.93 10.52 -22.03
N ARG A 528 13.20 10.00 -23.23
CA ARG A 528 13.02 8.60 -23.57
C ARG A 528 14.37 7.90 -23.47
N VAL A 529 14.37 6.59 -23.26
CA VAL A 529 15.60 5.81 -23.26
C VAL A 529 15.31 4.41 -23.81
N THR A 530 16.12 3.95 -24.75
CA THR A 530 15.83 2.73 -25.52
C THR A 530 16.95 1.70 -25.42
N LYS A 531 18.19 2.17 -25.38
CA LYS A 531 19.33 1.28 -25.31
C LYS A 531 19.81 1.13 -23.87
N LYS A 532 20.10 -0.11 -23.48
CA LYS A 532 20.59 -0.44 -22.14
C LYS A 532 21.83 0.35 -21.72
N ALA A 533 22.74 0.59 -22.66
CA ALA A 533 23.96 1.37 -22.39
C ALA A 533 23.64 2.79 -21.95
N ASP A 534 22.53 3.34 -22.45
CA ASP A 534 22.11 4.71 -22.15
C ASP A 534 21.41 4.86 -20.81
N LEU A 535 21.08 3.72 -20.18
CA LEU A 535 20.20 3.68 -19.01
C LEU A 535 20.72 4.34 -17.73
N ARG A 536 21.93 3.98 -17.31
CA ARG A 536 22.53 4.54 -16.08
C ARG A 536 22.57 6.07 -16.11
N GLU A 537 22.93 6.64 -17.26
CA GLU A 537 22.99 8.10 -17.39
C GLU A 537 21.59 8.73 -17.40
N ALA A 538 20.63 8.07 -18.05
CA ALA A 538 19.25 8.54 -18.10
C ALA A 538 18.63 8.64 -16.72
N ILE A 539 18.78 7.60 -15.91
CA ILE A 539 18.26 7.57 -14.55
C ILE A 539 18.99 8.56 -13.65
N GLN A 540 20.29 8.73 -13.86
CA GLN A 540 21.05 9.71 -13.08
C GLN A 540 20.54 11.13 -13.37
N THR A 541 20.24 11.39 -14.64
CA THR A 541 19.70 12.68 -15.07
C THR A 541 18.35 12.95 -14.39
N MET A 542 17.48 11.94 -14.42
CA MET A 542 16.19 11.97 -13.73
C MET A 542 16.35 12.35 -12.25
N LEU A 543 17.26 11.68 -11.56
CA LEU A 543 17.49 11.93 -10.14
C LEU A 543 18.10 13.30 -9.85
N ASP A 544 18.98 13.76 -10.74
CA ASP A 544 19.73 15.00 -10.52
C ASP A 544 18.99 16.28 -10.88
N THR A 545 18.17 16.22 -11.93
CA THR A 545 17.35 17.34 -12.34
C THR A 545 16.38 17.70 -11.20
N PRO A 546 16.58 18.86 -10.56
CA PRO A 546 15.69 19.18 -9.43
C PRO A 546 14.24 19.30 -9.89
N GLY A 547 13.30 18.87 -9.04
CA GLY A 547 11.88 18.89 -9.39
C GLY A 547 11.40 17.59 -10.00
N PRO A 548 10.18 17.60 -10.58
CA PRO A 548 9.60 16.41 -11.20
C PRO A 548 10.28 16.03 -12.51
N TYR A 549 10.21 14.76 -12.86
CA TYR A 549 10.87 14.25 -14.06
C TYR A 549 10.21 12.95 -14.52
N LEU A 550 9.95 12.86 -15.83
CA LEU A 550 9.48 11.60 -16.41
C LEU A 550 10.55 10.97 -17.28
N LEU A 551 10.89 9.73 -16.98
CA LEU A 551 11.77 8.93 -17.82
C LEU A 551 11.03 7.77 -18.46
N ASP A 552 10.88 7.81 -19.78
CA ASP A 552 10.18 6.78 -20.53
C ASP A 552 11.14 5.66 -20.93
N VAL A 553 11.04 4.52 -20.25
CA VAL A 553 11.93 3.38 -20.49
C VAL A 553 11.27 2.34 -21.37
N ILE A 554 11.78 2.17 -22.59
CA ILE A 554 11.21 1.22 -23.53
C ILE A 554 11.73 -0.17 -23.23
N CYS A 555 10.82 -1.14 -23.13
CA CYS A 555 11.14 -2.52 -22.78
C CYS A 555 10.51 -3.47 -23.79
N PRO A 556 11.18 -4.61 -24.09
CA PRO A 556 10.50 -5.59 -24.93
C PRO A 556 9.29 -6.14 -24.18
N HIS A 557 8.17 -6.29 -24.88
CA HIS A 557 6.90 -6.62 -24.24
C HIS A 557 6.76 -8.08 -23.83
N GLN A 558 7.53 -8.96 -24.46
CA GLN A 558 7.38 -10.42 -24.24
C GLN A 558 8.09 -10.99 -23.00
N GLU A 559 8.58 -10.10 -22.12
CA GLU A 559 9.10 -10.52 -20.82
C GLU A 559 7.99 -11.10 -19.94
N HIS A 560 8.35 -12.07 -19.10
CA HIS A 560 7.41 -12.68 -18.16
C HIS A 560 7.93 -12.54 -16.73
N VAL A 561 7.01 -12.27 -15.80
CA VAL A 561 7.36 -12.30 -14.39
C VAL A 561 7.54 -13.77 -13.97
N LEU A 562 8.71 -14.05 -13.41
CA LEU A 562 9.01 -15.37 -12.89
C LEU A 562 9.65 -15.23 -11.52
N PRO A 563 9.50 -16.26 -10.65
CA PRO A 563 8.74 -17.49 -10.87
C PRO A 563 7.23 -17.24 -10.87
N MET A 564 6.47 -18.29 -11.12
CA MET A 564 5.01 -18.22 -11.05
C MET A 564 4.38 -19.54 -10.60
N ILE A 565 3.59 -19.46 -9.53
CA ILE A 565 2.73 -20.56 -9.12
C ILE A 565 1.31 -20.23 -9.64
N PRO A 566 0.76 -21.08 -10.52
CA PRO A 566 -0.60 -20.85 -11.02
C PRO A 566 -1.62 -20.81 -9.88
N SER A 567 -2.74 -20.13 -10.11
CA SER A 567 -3.77 -19.93 -9.08
C SER A 567 -4.31 -21.24 -8.54
N GLY A 568 -4.34 -21.35 -7.21
CA GLY A 568 -4.82 -22.55 -6.53
C GLY A 568 -3.90 -23.75 -6.70
N GLY A 569 -2.62 -23.47 -6.93
CA GLY A 569 -1.62 -24.50 -7.12
C GLY A 569 -0.75 -24.72 -5.90
N THR A 570 0.23 -25.61 -6.06
CA THR A 570 1.15 -25.98 -5.00
C THR A 570 2.54 -25.48 -5.36
N PHE A 571 3.51 -25.67 -4.46
CA PHE A 571 4.92 -25.40 -4.73
C PHE A 571 5.46 -26.25 -5.89
N ASN A 572 4.91 -27.46 -6.07
CA ASN A 572 5.28 -28.33 -7.18
C ASN A 572 4.92 -27.79 -8.57
N ASP A 573 3.91 -26.93 -8.62
CA ASP A 573 3.41 -26.39 -9.87
C ASP A 573 4.19 -25.17 -10.38
N VAL A 574 5.19 -24.73 -9.61
CA VAL A 574 5.95 -23.51 -9.91
C VAL A 574 6.59 -23.53 -11.31
N ILE A 575 6.40 -22.43 -12.04
CA ILE A 575 7.00 -22.21 -13.34
C ILE A 575 8.21 -21.30 -13.14
N THR A 576 9.39 -21.77 -13.57
CA THR A 576 10.64 -21.01 -13.40
C THR A 576 11.28 -20.57 -14.72
N GLU A 577 10.69 -21.03 -15.82
CA GLU A 577 11.30 -20.85 -17.14
C GLU A 577 10.27 -20.42 -18.19
N GLY A 578 10.69 -19.54 -19.10
CA GLY A 578 9.87 -19.20 -20.26
C GLY A 578 9.48 -17.73 -20.38
N ASP A 579 9.01 -17.37 -21.57
CA ASP A 579 8.49 -16.04 -21.87
C ASP A 579 7.56 -16.10 -23.08
N GLY A 580 7.33 -14.97 -23.72
CA GLY A 580 6.43 -14.90 -24.86
C GLY A 580 7.11 -14.83 -26.21
N ARG A 581 8.42 -15.11 -26.23
CA ARG A 581 9.21 -15.00 -27.47
C ARG A 581 9.06 -16.22 -28.38
N ILE A 582 8.96 -15.95 -29.69
CA ILE A 582 8.76 -16.95 -30.76
C ILE A 582 7.57 -17.89 -30.50
#